data_8D9P
#
_entry.id   8D9P
#
_cell.length_a   44.968
_cell.length_b   44.968
_cell.length_c   238.295
_cell.angle_alpha   90.00
_cell.angle_beta   90.00
_cell.angle_gamma   90.00
#
_symmetry.space_group_name_H-M   'P 41 21 2'
#
loop_
_entity.id
_entity.type
_entity.pdbx_description
1 polymer 'Reaction center maquette'
2 non-polymer 'PROTOPORPHYRIN IX CONTAINING FE'
3 non-polymer 'MANGANESE (II) ION'
4 non-polymer 'CHLORIDE ION'
5 water water
#
_entity_poly.entity_id   1
_entity_poly.type   'polypeptide(L)'
_entity_poly.pdbx_seq_one_letter_code
;GSPELRQEHQQLAQEFQQLLQEIQQLGRELLKGELQGIKQLREASEKARNPEKKSVLQKILEDEEKHIELLETLQQTGQE
AQQLLQELQQTGQELWQLGGSGGPELRQKHQQLAQKIQQLLQKHQQLGAKILEDEEKHIELLETILGGSGGDELRELLKG
ELQGIKQYRELQQLGQKAQQLVQKLQQTGQKLWQLG
;
_entity_poly.pdbx_strand_id   A
#
# COMPACT_ATOMS: atom_id res chain seq x y z
N SER A 2 0.45 -10.81 -31.82
CA SER A 2 1.23 -12.06 -31.58
C SER A 2 0.51 -12.92 -30.54
N PRO A 3 0.59 -14.27 -30.63
CA PRO A 3 -0.18 -15.14 -29.73
C PRO A 3 0.29 -15.08 -28.27
N GLU A 4 1.61 -15.10 -28.06
CA GLU A 4 2.21 -15.03 -26.72
C GLU A 4 2.04 -13.65 -26.07
N LEU A 5 1.75 -12.64 -26.89
CA LEU A 5 1.54 -11.27 -26.43
C LEU A 5 0.21 -11.17 -25.67
N ARG A 6 -0.86 -11.65 -26.31
CA ARG A 6 -2.22 -11.79 -25.71
C ARG A 6 -2.10 -12.62 -24.42
N GLN A 7 -1.31 -13.70 -24.47
CA GLN A 7 -1.03 -14.56 -23.32
C GLN A 7 -0.34 -13.81 -22.18
N GLU A 8 0.65 -12.99 -22.52
CA GLU A 8 1.44 -12.22 -21.55
C GLU A 8 0.57 -11.18 -20.83
N HIS A 9 -0.17 -10.39 -21.61
CA HIS A 9 -1.12 -9.40 -21.08
C HIS A 9 -2.05 -10.07 -20.08
N GLN A 10 -2.61 -11.22 -20.49
CA GLN A 10 -3.51 -12.01 -19.65
C GLN A 10 -2.85 -12.46 -18.35
N GLN A 11 -1.62 -12.98 -18.46
CA GLN A 11 -0.87 -13.48 -17.31
C GLN A 11 -0.49 -12.35 -16.36
N LEU A 12 -0.09 -11.20 -16.92
CA LEU A 12 0.25 -10.03 -16.13
C LEU A 12 -0.98 -9.55 -15.35
N ALA A 13 -2.14 -9.52 -16.02
CA ALA A 13 -3.39 -9.07 -15.44
C ALA A 13 -3.86 -9.98 -14.31
N GLN A 14 -3.65 -11.30 -14.48
CA GLN A 14 -3.97 -12.29 -13.45
C GLN A 14 -3.05 -12.14 -12.24
N GLU A 15 -1.74 -12.04 -12.50
CA GLU A 15 -0.76 -11.76 -11.45
C GLU A 15 -1.14 -10.51 -10.67
N PHE A 16 -1.55 -9.46 -11.39
CA PHE A 16 -1.88 -8.19 -10.80
C PHE A 16 -3.11 -8.29 -9.88
N GLN A 17 -4.13 -9.00 -10.32
CA GLN A 17 -5.33 -9.25 -9.49
C GLN A 17 -4.93 -9.92 -8.17
N GLN A 18 -4.07 -10.94 -8.25
CA GLN A 18 -3.58 -11.66 -7.07
C GLN A 18 -2.80 -10.75 -6.13
N LEU A 19 -1.97 -9.88 -6.72
CA LEU A 19 -1.14 -8.96 -5.97
C LEU A 19 -1.97 -7.93 -5.21
N LEU A 20 -2.99 -7.38 -5.88
CA LEU A 20 -3.85 -6.36 -5.30
C LEU A 20 -4.65 -6.90 -4.11
N GLN A 21 -5.11 -8.16 -4.23
CA GLN A 21 -5.74 -8.89 -3.13
C GLN A 21 -4.80 -9.03 -1.94
N GLU A 22 -3.52 -9.32 -2.22
CA GLU A 22 -2.48 -9.45 -1.20
C GLU A 22 -2.24 -8.11 -0.49
N ILE A 23 -2.22 -7.02 -1.27
CA ILE A 23 -1.98 -5.68 -0.76
C ILE A 23 -3.13 -5.23 0.15
N GLN A 24 -4.36 -5.52 -0.27
CA GLN A 24 -5.53 -5.21 0.52
C GLN A 24 -5.49 -5.95 1.84
N GLN A 25 -5.13 -7.23 1.79
CA GLN A 25 -5.09 -8.10 2.96
C GLN A 25 -4.07 -7.60 3.99
N LEU A 26 -2.89 -7.22 3.51
CA LEU A 26 -1.83 -6.72 4.38
C LEU A 26 -2.27 -5.42 5.04
N GLY A 27 -2.91 -4.53 4.27
CA GLY A 27 -3.47 -3.28 4.76
C GLY A 27 -4.50 -3.45 5.87
N ARG A 28 -5.34 -4.48 5.76
CA ARG A 28 -6.31 -4.89 6.81
C ARG A 28 -5.52 -5.30 8.06
N GLU A 29 -4.48 -6.12 7.90
CA GLU A 29 -3.65 -6.61 8.99
C GLU A 29 -2.93 -5.45 9.69
N LEU A 30 -2.46 -4.48 8.90
CA LEU A 30 -1.79 -3.28 9.40
C LEU A 30 -2.73 -2.43 10.24
N LEU A 31 -3.93 -2.17 9.69
CA LEU A 31 -4.92 -1.35 10.38
C LEU A 31 -5.29 -2.00 11.70
N LYS A 32 -5.61 -3.30 11.65
CA LYS A 32 -5.86 -4.11 12.85
C LYS A 32 -4.71 -4.00 13.85
N GLY A 33 -3.48 -4.20 13.36
CA GLY A 33 -2.28 -4.05 14.16
C GLY A 33 -2.14 -2.72 14.88
N GLU A 34 -2.30 -1.61 14.15
CA GLU A 34 -2.15 -0.26 14.69
C GLU A 34 -3.20 0.00 15.77
N LEU A 35 -4.44 -0.45 15.54
CA LEU A 35 -5.51 -0.28 16.53
C LEU A 35 -5.30 -1.16 17.77
N GLN A 36 -4.78 -2.37 17.58
CA GLN A 36 -4.44 -3.27 18.69
C GLN A 36 -3.37 -2.67 19.60
N GLY A 37 -2.35 -2.06 18.99
CA GLY A 37 -1.17 -1.57 19.69
C GLY A 37 -1.24 -0.17 20.27
N ILE A 38 -2.20 0.64 19.78
CA ILE A 38 -2.28 2.04 20.16
C ILE A 38 -2.72 2.22 21.62
N LYS A 39 -3.50 1.25 22.12
CA LYS A 39 -3.95 1.25 23.51
C LYS A 39 -2.73 1.12 24.45
N GLN A 40 -1.83 0.18 24.12
CA GLN A 40 -0.59 -0.02 24.87
C GLN A 40 0.28 1.25 24.88
N LEU A 41 0.35 1.92 23.72
CA LEU A 41 1.09 3.17 23.58
C LEU A 41 0.45 4.31 24.37
N ARG A 42 -0.88 4.46 24.24
CA ARG A 42 -1.67 5.47 25.01
C ARG A 42 -1.34 5.33 26.51
N GLU A 43 -1.42 4.10 27.03
CA GLU A 43 -1.22 3.86 28.46
C GLU A 43 0.21 4.13 28.90
N ALA A 44 1.18 3.83 28.02
CA ALA A 44 2.58 4.15 28.27
C ALA A 44 2.75 5.66 28.37
N SER A 45 2.20 6.38 27.37
CA SER A 45 2.29 7.83 27.29
C SER A 45 1.73 8.46 28.58
N GLU A 46 0.52 8.03 28.96
CA GLU A 46 -0.18 8.53 30.14
C GLU A 46 0.56 8.22 31.45
N LYS A 47 1.11 7.01 31.57
CA LYS A 47 1.83 6.58 32.78
C LYS A 47 3.24 7.18 32.95
N ALA A 48 3.79 7.76 31.87
CA ALA A 48 5.16 8.30 31.88
C ALA A 48 5.26 9.53 32.79
N ARG A 49 6.31 9.55 33.62
CA ARG A 49 6.62 10.61 34.62
C ARG A 49 7.76 11.49 34.09
N ASN A 50 8.85 10.87 33.61
CA ASN A 50 9.99 11.58 33.08
C ASN A 50 9.62 12.42 31.85
N PRO A 51 9.90 13.74 31.84
CA PRO A 51 9.54 14.61 30.72
C PRO A 51 10.10 14.20 29.35
N GLU A 52 11.33 13.66 29.31
CA GLU A 52 11.97 13.23 28.07
C GLU A 52 11.14 12.12 27.43
N LYS A 53 10.91 11.06 28.21
CA LYS A 53 10.11 9.92 27.83
C LYS A 53 8.71 10.36 27.39
N LYS A 54 8.12 11.30 28.13
CA LYS A 54 6.74 11.71 27.92
C LYS A 54 6.54 12.44 26.59
N SER A 55 7.45 13.37 26.28
CA SER A 55 7.38 14.15 25.04
C SER A 55 7.61 13.28 23.81
N VAL A 56 8.45 12.25 23.95
CA VAL A 56 8.73 11.30 22.89
C VAL A 56 7.53 10.38 22.64
N LEU A 57 7.01 9.78 23.72
CA LEU A 57 5.83 8.91 23.64
C LEU A 57 4.57 9.63 23.15
N GLN A 58 4.46 10.94 23.46
CA GLN A 58 3.37 11.78 22.97
C GLN A 58 3.50 12.07 21.47
N LYS A 59 4.75 12.29 21.02
CA LYS A 59 5.03 12.50 19.60
C LYS A 59 4.61 11.25 18.83
N ILE A 60 4.96 10.09 19.38
CA ILE A 60 4.70 8.80 18.75
C ILE A 60 3.20 8.54 18.72
N LEU A 61 2.52 8.81 19.83
CA LEU A 61 1.07 8.63 19.92
C LEU A 61 0.37 9.50 18.89
N GLU A 62 0.75 10.78 18.83
CA GLU A 62 0.17 11.75 17.89
C GLU A 62 0.27 11.25 16.46
N ASP A 63 1.46 10.77 16.09
CA ASP A 63 1.72 10.15 14.80
C ASP A 63 0.82 8.95 14.54
N GLU A 64 0.74 8.01 15.51
CA GLU A 64 -0.05 6.83 15.33
C GLU A 64 -1.54 7.17 15.16
N GLU A 65 -2.00 8.24 15.82
CA GLU A 65 -3.37 8.72 15.67
C GLU A 65 -3.65 9.18 14.23
N LYS A 66 -2.71 9.96 13.66
CA LYS A 66 -2.80 10.39 12.27
C LYS A 66 -2.75 9.18 11.33
N HIS A 67 -1.95 8.17 11.70
CA HIS A 67 -1.79 6.94 10.92
C HIS A 67 -3.09 6.16 10.73
N ILE A 68 -4.00 6.24 11.70
CA ILE A 68 -5.30 5.58 11.58
C ILE A 68 -6.01 6.12 10.34
N GLU A 69 -6.07 7.45 10.24
CA GLU A 69 -6.69 8.12 9.11
C GLU A 69 -5.99 7.76 7.80
N LEU A 70 -4.65 7.76 7.81
CA LEU A 70 -3.87 7.44 6.63
C LEU A 70 -4.10 6.00 6.18
N LEU A 71 -4.16 5.08 7.16
CA LEU A 71 -4.47 3.68 6.91
C LEU A 71 -5.87 3.47 6.35
N GLU A 72 -6.83 4.26 6.83
CA GLU A 72 -8.21 4.23 6.30
C GLU A 72 -8.22 4.68 4.85
N THR A 73 -7.54 5.80 4.56
CA THR A 73 -7.45 6.33 3.20
C THR A 73 -6.69 5.36 2.28
N LEU A 74 -5.69 4.68 2.83
CA LEU A 74 -4.88 3.68 2.13
C LEU A 74 -5.74 2.52 1.66
N GLN A 75 -6.66 2.06 2.52
CA GLN A 75 -7.55 0.95 2.21
C GLN A 75 -8.63 1.34 1.21
N GLN A 76 -9.17 2.55 1.35
CA GLN A 76 -10.14 3.11 0.40
C GLN A 76 -9.50 3.20 -0.99
N THR A 77 -8.23 3.61 -1.03
CA THR A 77 -7.50 3.73 -2.28
C THR A 77 -7.34 2.36 -2.93
N GLY A 78 -7.05 1.34 -2.10
CA GLY A 78 -6.94 -0.03 -2.56
C GLY A 78 -8.25 -0.56 -3.12
N GLN A 79 -9.37 -0.25 -2.44
CA GLN A 79 -10.70 -0.68 -2.88
C GLN A 79 -11.04 -0.03 -4.21
N GLU A 80 -10.76 1.28 -4.31
CA GLU A 80 -10.98 2.02 -5.55
C GLU A 80 -10.22 1.43 -6.72
N ALA A 81 -8.97 1.01 -6.49
CA ALA A 81 -8.15 0.38 -7.51
C ALA A 81 -8.70 -0.98 -7.94
N GLN A 82 -9.22 -1.73 -6.97
CA GLN A 82 -9.84 -3.02 -7.24
C GLN A 82 -11.10 -2.88 -8.11
N GLN A 83 -11.84 -1.78 -7.91
CA GLN A 83 -13.03 -1.50 -8.68
C GLN A 83 -12.69 -1.12 -10.12
N LEU A 84 -11.62 -0.34 -10.29
CA LEU A 84 -11.06 -0.04 -11.61
C LEU A 84 -10.56 -1.29 -12.33
N LEU A 85 -10.01 -2.25 -11.57
CA LEU A 85 -9.50 -3.49 -12.12
C LEU A 85 -10.64 -4.28 -12.75
N GLN A 86 -11.77 -4.36 -12.03
CA GLN A 86 -12.99 -4.98 -12.52
C GLN A 86 -13.39 -4.41 -13.87
N GLU A 87 -13.28 -3.08 -14.01
CA GLU A 87 -13.61 -2.40 -15.26
C GLU A 87 -12.60 -2.71 -16.37
N LEU A 88 -11.31 -2.77 -16.00
CA LEU A 88 -10.25 -3.19 -16.92
C LEU A 88 -10.50 -4.62 -17.42
N GLN A 89 -10.93 -5.51 -16.52
CA GLN A 89 -11.25 -6.88 -16.89
C GLN A 89 -12.42 -6.97 -17.86
N GLN A 90 -13.50 -6.23 -17.58
CA GLN A 90 -14.69 -6.23 -18.42
C GLN A 90 -14.39 -5.60 -19.79
N THR A 91 -13.79 -4.41 -19.78
CA THR A 91 -13.43 -3.73 -21.03
C THR A 91 -12.37 -4.50 -21.81
N GLY A 92 -11.46 -5.16 -21.08
CA GLY A 92 -10.44 -6.00 -21.67
C GLY A 92 -11.03 -7.20 -22.40
N GLN A 93 -11.98 -7.88 -21.75
CA GLN A 93 -12.68 -9.00 -22.35
C GLN A 93 -13.35 -8.59 -23.67
N GLU A 94 -14.05 -7.46 -23.65
CA GLU A 94 -14.74 -6.94 -24.82
C GLU A 94 -13.78 -6.58 -25.96
N LEU A 95 -12.63 -5.99 -25.60
CA LEU A 95 -11.57 -5.73 -26.58
C LEU A 95 -11.16 -7.01 -27.31
N TRP A 96 -10.93 -8.07 -26.53
CA TRP A 96 -10.59 -9.38 -27.06
C TRP A 96 -11.71 -9.91 -27.97
N GLN A 97 -12.96 -9.79 -27.50
CA GLN A 97 -14.13 -10.20 -28.27
C GLN A 97 -14.27 -9.45 -29.60
N LEU A 98 -13.95 -8.15 -29.58
CA LEU A 98 -14.14 -7.27 -30.74
C LEU A 98 -12.99 -7.36 -31.74
N GLY A 99 -11.86 -7.91 -31.30
CA GLY A 99 -10.67 -8.11 -32.13
C GLY A 99 -10.26 -6.91 -32.96
N GLY A 100 -10.21 -5.74 -32.33
CA GLY A 100 -9.75 -4.50 -32.95
C GLY A 100 -10.80 -3.66 -33.67
N SER A 101 -12.04 -4.13 -33.67
CA SER A 101 -13.14 -3.49 -34.39
C SER A 101 -14.05 -2.69 -33.48
N GLY A 102 -14.92 -1.88 -34.09
CA GLY A 102 -15.95 -1.13 -33.39
C GLY A 102 -15.55 0.25 -32.90
N GLY A 103 -14.47 0.81 -33.46
CA GLY A 103 -14.02 2.15 -33.14
C GLY A 103 -13.12 2.17 -31.90
N PRO A 104 -12.60 3.36 -31.51
CA PRO A 104 -11.61 3.45 -30.44
C PRO A 104 -12.13 3.71 -29.00
N GLU A 105 -13.43 4.00 -28.84
CA GLU A 105 -13.95 4.46 -27.55
C GLU A 105 -13.71 3.45 -26.41
N LEU A 106 -13.87 2.15 -26.69
CA LEU A 106 -13.61 1.11 -25.70
C LEU A 106 -12.13 1.04 -25.35
N ARG A 107 -11.27 1.00 -26.37
CA ARG A 107 -9.78 0.96 -26.23
C ARG A 107 -9.33 2.15 -25.39
N GLN A 108 -9.90 3.33 -25.62
CA GLN A 108 -9.57 4.54 -24.88
C GLN A 108 -9.99 4.45 -23.41
N LYS A 109 -11.15 3.86 -23.15
CA LYS A 109 -11.66 3.70 -21.80
C LYS A 109 -10.73 2.79 -21.01
N HIS A 110 -10.32 1.69 -21.65
CA HIS A 110 -9.35 0.73 -21.11
C HIS A 110 -8.03 1.45 -20.77
N GLN A 111 -7.56 2.30 -21.69
CA GLN A 111 -6.36 3.11 -21.47
C GLN A 111 -6.50 4.10 -20.31
N GLN A 112 -7.66 4.76 -20.21
CA GLN A 112 -7.96 5.70 -19.14
C GLN A 112 -7.94 5.01 -17.77
N LEU A 113 -8.67 3.89 -17.69
CA LEU A 113 -8.70 3.06 -16.48
C LEU A 113 -7.29 2.68 -16.07
N ALA A 114 -6.46 2.29 -17.05
CA ALA A 114 -5.07 1.91 -16.83
C ALA A 114 -4.24 3.05 -16.28
N GLN A 115 -4.39 4.23 -16.88
CA GLN A 115 -3.74 5.44 -16.37
C GLN A 115 -4.20 5.74 -14.95
N LYS A 116 -5.51 5.66 -14.72
CA LYS A 116 -6.11 6.02 -13.45
C LYS A 116 -5.73 5.06 -12.30
N ILE A 117 -5.61 3.76 -12.60
CA ILE A 117 -5.19 2.79 -11.59
C ILE A 117 -3.73 3.03 -11.16
N GLN A 118 -2.87 3.39 -12.11
CA GLN A 118 -1.47 3.74 -11.84
C GLN A 118 -1.40 4.94 -10.89
N GLN A 119 -2.23 5.96 -11.15
CA GLN A 119 -2.35 7.11 -10.27
C GLN A 119 -2.78 6.72 -8.85
N LEU A 120 -3.78 5.85 -8.74
CA LEU A 120 -4.19 5.30 -7.45
C LEU A 120 -3.06 4.57 -6.73
N LEU A 121 -2.32 3.72 -7.46
CA LEU A 121 -1.20 2.99 -6.86
C LEU A 121 -0.11 3.95 -6.34
N GLN A 122 0.11 5.03 -7.08
CA GLN A 122 1.06 6.08 -6.69
C GLN A 122 0.64 6.71 -5.37
N LYS A 123 -0.61 7.18 -5.30
CA LYS A 123 -1.16 7.73 -4.07
C LYS A 123 -0.97 6.74 -2.93
N HIS A 124 -1.31 5.47 -3.22
CA HIS A 124 -1.20 4.38 -2.26
C HIS A 124 0.24 4.22 -1.75
N GLN A 125 1.20 4.31 -2.68
CA GLN A 125 2.62 4.20 -2.34
C GLN A 125 3.06 5.35 -1.43
N GLN A 126 2.58 6.57 -1.70
CA GLN A 126 2.91 7.77 -0.93
C GLN A 126 2.37 7.74 0.51
N LEU A 127 1.16 7.17 0.68
CA LEU A 127 0.56 6.99 1.99
C LEU A 127 1.39 6.02 2.82
N GLY A 128 1.68 4.85 2.23
CA GLY A 128 2.52 3.85 2.85
C GLY A 128 3.90 4.37 3.21
N ALA A 129 4.46 5.23 2.35
CA ALA A 129 5.81 5.78 2.48
C ALA A 129 5.88 6.77 3.63
N LYS A 130 4.85 7.62 3.75
CA LYS A 130 4.72 8.58 4.84
C LYS A 130 4.65 7.83 6.18
N ILE A 131 3.79 6.80 6.24
CA ILE A 131 3.64 6.00 7.45
C ILE A 131 5.00 5.37 7.81
N LEU A 132 5.62 4.68 6.85
CA LEU A 132 6.90 4.03 7.08
C LEU A 132 7.94 5.02 7.62
N GLU A 133 8.07 6.17 6.96
CA GLU A 133 9.03 7.20 7.35
C GLU A 133 8.82 7.59 8.82
N ASP A 134 7.56 7.77 9.22
CA ASP A 134 7.21 8.10 10.58
C ASP A 134 7.60 6.99 11.54
N GLU A 135 7.27 5.75 11.18
CA GLU A 135 7.55 4.60 12.02
C GLU A 135 9.06 4.41 12.24
N GLU A 136 9.88 4.72 11.22
CA GLU A 136 11.33 4.59 11.35
C GLU A 136 11.92 5.70 12.24
N LYS A 137 11.38 6.92 12.11
CA LYS A 137 11.69 8.02 13.01
C LYS A 137 11.39 7.66 14.47
N HIS A 138 10.29 6.94 14.72
CA HIS A 138 9.95 6.50 16.07
C HIS A 138 11.03 5.59 16.67
N ILE A 139 11.67 4.78 15.83
CA ILE A 139 12.71 3.88 16.30
C ILE A 139 13.88 4.68 16.82
N GLU A 140 14.28 5.72 16.09
CA GLU A 140 15.30 6.65 16.52
C GLU A 140 14.94 7.29 17.87
N LEU A 141 13.67 7.68 18.02
CA LEU A 141 13.19 8.35 19.23
C LEU A 141 13.22 7.43 20.46
N LEU A 142 12.75 6.19 20.30
CA LEU A 142 12.76 5.21 21.37
C LEU A 142 14.18 4.86 21.80
N GLU A 143 15.05 4.61 20.81
CA GLU A 143 16.46 4.32 21.08
C GLU A 143 17.13 5.42 21.91
N THR A 144 16.75 6.67 21.64
CA THR A 144 17.32 7.84 22.28
C THR A 144 17.03 7.86 23.79
N ILE A 145 15.82 7.43 24.17
CA ILE A 145 15.41 7.45 25.58
C ILE A 145 15.59 6.12 26.31
N LEU A 146 16.13 5.12 25.61
CA LEU A 146 16.46 3.85 26.23
C LEU A 146 17.80 3.97 26.97
N GLY A 147 18.84 4.41 26.24
CA GLY A 147 20.16 4.63 26.78
C GLY A 147 20.62 3.53 27.74
N GLY A 148 21.14 3.93 28.90
CA GLY A 148 21.60 3.02 29.93
C GLY A 148 20.47 2.39 30.73
N SER A 149 19.51 3.23 31.14
CA SER A 149 18.35 2.85 31.97
C SER A 149 17.97 1.37 31.92
N GLY A 150 17.49 0.93 30.75
CA GLY A 150 16.93 -0.40 30.56
C GLY A 150 15.52 -0.29 29.99
N GLY A 151 14.65 0.41 30.72
CA GLY A 151 13.29 0.71 30.30
C GLY A 151 12.54 -0.48 29.72
N ASP A 152 12.12 -1.39 30.59
CA ASP A 152 11.43 -2.62 30.21
C ASP A 152 10.29 -2.36 29.22
N GLU A 153 9.41 -1.42 29.57
CA GLU A 153 8.22 -1.13 28.80
C GLU A 153 8.56 -0.49 27.45
N LEU A 154 9.55 0.39 27.45
CA LEU A 154 10.05 1.01 26.21
C LEU A 154 10.58 -0.01 25.21
N ARG A 155 11.31 -1.01 25.70
CA ARG A 155 11.87 -2.11 24.86
C ARG A 155 10.73 -2.91 24.23
N GLU A 156 9.62 -3.09 24.96
CA GLU A 156 8.40 -3.72 24.42
C GLU A 156 7.82 -2.93 23.25
N LEU A 157 7.68 -1.61 23.42
CA LEU A 157 7.22 -0.72 22.37
C LEU A 157 8.13 -0.78 21.13
N LEU A 158 9.45 -0.77 21.38
CA LEU A 158 10.44 -0.83 20.33
C LEU A 158 10.27 -2.09 19.47
N LYS A 159 10.25 -3.24 20.13
CA LYS A 159 10.04 -4.54 19.49
C LYS A 159 8.80 -4.52 18.60
N GLY A 160 7.70 -4.00 19.15
CA GLY A 160 6.43 -3.91 18.45
C GLY A 160 6.47 -2.98 17.25
N GLU A 161 7.21 -1.87 17.39
CA GLU A 161 7.33 -0.91 16.29
C GLU A 161 8.15 -1.53 15.14
N LEU A 162 9.16 -2.32 15.49
CA LEU A 162 9.99 -3.02 14.51
C LEU A 162 9.21 -4.07 13.71
N GLN A 163 8.34 -4.82 14.39
CA GLN A 163 7.46 -5.80 13.75
C GLN A 163 6.55 -5.13 12.73
N GLY A 164 5.97 -3.99 13.11
CA GLY A 164 5.15 -3.19 12.22
C GLY A 164 5.92 -2.73 11.00
N ILE A 165 7.15 -2.25 11.21
CA ILE A 165 8.02 -1.77 10.13
C ILE A 165 8.28 -2.86 9.08
N LYS A 166 8.44 -4.11 9.54
CA LYS A 166 8.62 -5.26 8.67
C LYS A 166 7.43 -5.37 7.70
N GLN A 167 6.22 -5.22 8.25
CA GLN A 167 4.99 -5.27 7.47
C GLN A 167 4.83 -4.08 6.54
N TYR A 168 5.23 -2.90 7.00
CA TYR A 168 5.18 -1.65 6.20
C TYR A 168 6.14 -1.77 5.00
N ARG A 169 7.35 -2.31 5.21
CA ARG A 169 8.32 -2.58 4.12
C ARG A 169 7.70 -3.57 3.12
N GLU A 170 7.13 -4.67 3.62
CA GLU A 170 6.45 -5.64 2.77
C GLU A 170 5.41 -4.95 1.89
N LEU A 171 4.59 -4.10 2.51
CA LEU A 171 3.53 -3.35 1.82
C LEU A 171 4.06 -2.49 0.68
N GLN A 172 5.12 -1.73 0.95
CA GLN A 172 5.76 -0.88 -0.04
C GLN A 172 6.39 -1.74 -1.15
N GLN A 173 6.88 -2.92 -0.78
CA GLN A 173 7.51 -3.86 -1.70
C GLN A 173 6.46 -4.39 -2.69
N LEU A 174 5.35 -4.90 -2.15
CA LEU A 174 4.21 -5.31 -2.96
C LEU A 174 3.72 -4.18 -3.87
N GLY A 175 3.73 -2.95 -3.34
CA GLY A 175 3.33 -1.76 -4.09
C GLY A 175 4.20 -1.49 -5.30
N GLN A 176 5.52 -1.51 -5.09
CA GLN A 176 6.50 -1.33 -6.17
C GLN A 176 6.25 -2.35 -7.27
N LYS A 177 6.08 -3.61 -6.88
CA LYS A 177 5.80 -4.70 -7.80
C LYS A 177 4.50 -4.45 -8.59
N ALA A 178 3.47 -3.97 -7.89
CA ALA A 178 2.20 -3.60 -8.51
C ALA A 178 2.39 -2.57 -9.61
N GLN A 179 3.09 -1.48 -9.28
CA GLN A 179 3.36 -0.42 -10.24
C GLN A 179 4.21 -0.93 -11.42
N GLN A 180 5.03 -1.95 -11.16
CA GLN A 180 5.84 -2.59 -12.18
C GLN A 180 4.96 -3.38 -13.15
N LEU A 181 4.03 -4.18 -12.61
CA LEU A 181 3.10 -4.97 -13.43
C LEU A 181 2.22 -4.10 -14.31
N VAL A 182 1.78 -2.97 -13.76
CA VAL A 182 0.96 -2.00 -14.50
C VAL A 182 1.72 -1.41 -15.67
N GLN A 183 3.01 -1.12 -15.46
CA GLN A 183 3.88 -0.64 -16.54
C GLN A 183 4.00 -1.70 -17.64
N LYS A 184 4.19 -2.97 -17.22
CA LYS A 184 4.29 -4.08 -18.15
C LYS A 184 2.98 -4.31 -18.90
N LEU A 185 1.86 -4.11 -18.21
CA LEU A 185 0.53 -4.19 -18.82
C LEU A 185 0.34 -3.15 -19.91
N GLN A 186 0.75 -1.91 -19.62
CA GLN A 186 0.66 -0.81 -20.59
C GLN A 186 1.57 -1.07 -21.80
N GLN A 187 2.77 -1.62 -21.55
CA GLN A 187 3.72 -1.98 -22.60
C GLN A 187 3.17 -3.06 -23.53
N THR A 188 2.73 -4.17 -22.93
CA THR A 188 2.16 -5.30 -23.69
C THR A 188 0.85 -4.93 -24.36
N GLY A 189 0.05 -4.09 -23.69
CA GLY A 189 -1.23 -3.63 -24.19
C GLY A 189 -1.12 -2.74 -25.40
N GLN A 190 -0.20 -1.76 -25.33
CA GLN A 190 0.07 -0.83 -26.43
C GLN A 190 0.49 -1.60 -27.69
N LYS A 191 1.32 -2.63 -27.51
CA LYS A 191 1.77 -3.49 -28.61
C LYS A 191 0.59 -4.18 -29.31
N LEU A 192 -0.24 -4.88 -28.52
CA LEU A 192 -1.42 -5.58 -29.03
C LEU A 192 -2.32 -4.67 -29.87
N TRP A 193 -2.63 -3.49 -29.32
CA TRP A 193 -3.46 -2.48 -29.99
C TRP A 193 -2.89 -2.12 -31.36
N GLN A 194 -1.59 -1.82 -31.39
CA GLN A 194 -0.90 -1.40 -32.61
C GLN A 194 -0.87 -2.52 -33.67
N LEU A 195 -0.59 -3.75 -33.24
CA LEU A 195 -0.50 -4.91 -34.14
C LEU A 195 -1.87 -5.29 -34.73
N GLY A 196 -2.60 -6.16 -34.04
CA GLY A 196 -3.85 -6.72 -34.52
C GLY A 196 -4.99 -5.73 -34.46
#